data_1QZB
# 
_entry.id   1QZB 
# 
_audit_conform.dict_name       mmcif_pdbx.dic 
_audit_conform.dict_version    5.386 
_audit_conform.dict_location   http://mmcif.pdb.org/dictionaries/ascii/mmcif_pdbx.dic 
# 
loop_
_database_2.database_id 
_database_2.database_code 
_database_2.pdbx_database_accession 
_database_2.pdbx_DOI 
PDB   1QZB         pdb_00001qzb 10.2210/pdb1qzb/pdb 
RCSB  RCSB020252   ?            ?                   
WWPDB D_1000020252 ?            ?                   
# 
loop_
_pdbx_audit_revision_history.ordinal 
_pdbx_audit_revision_history.data_content_type 
_pdbx_audit_revision_history.major_revision 
_pdbx_audit_revision_history.minor_revision 
_pdbx_audit_revision_history.revision_date 
1 'Structure model' 1 0 2003-11-04 
2 'Structure model' 1 1 2008-04-29 
3 'Structure model' 1 2 2011-07-13 
4 'Structure model' 1 3 2024-02-14 
# 
_pdbx_audit_revision_details.ordinal             1 
_pdbx_audit_revision_details.revision_ordinal    1 
_pdbx_audit_revision_details.data_content_type   'Structure model' 
_pdbx_audit_revision_details.provider            repository 
_pdbx_audit_revision_details.type                'Initial release' 
_pdbx_audit_revision_details.description         ? 
_pdbx_audit_revision_details.details             ? 
# 
loop_
_pdbx_audit_revision_group.ordinal 
_pdbx_audit_revision_group.revision_ordinal 
_pdbx_audit_revision_group.data_content_type 
_pdbx_audit_revision_group.group 
1 2 'Structure model' 'Version format compliance' 
2 3 'Structure model' 'Version format compliance' 
3 4 'Structure model' 'Data collection'           
4 4 'Structure model' 'Database references'       
5 4 'Structure model' 'Refinement description'    
# 
loop_
_pdbx_audit_revision_category.ordinal 
_pdbx_audit_revision_category.revision_ordinal 
_pdbx_audit_revision_category.data_content_type 
_pdbx_audit_revision_category.category 
1 4 'Structure model' chem_comp_atom                
2 4 'Structure model' chem_comp_bond                
3 4 'Structure model' database_2                    
4 4 'Structure model' em_3d_fitting_list            
5 4 'Structure model' em_image_scans                
6 4 'Structure model' pdbx_initial_refinement_model 
# 
loop_
_pdbx_audit_revision_item.ordinal 
_pdbx_audit_revision_item.revision_ordinal 
_pdbx_audit_revision_item.data_content_type 
_pdbx_audit_revision_item.item 
1 4 'Structure model' '_database_2.pdbx_DOI'                            
2 4 'Structure model' '_database_2.pdbx_database_accession'             
3 4 'Structure model' '_em_3d_fitting_list.accession_code'              
4 4 'Structure model' '_em_3d_fitting_list.initial_refinement_model_id' 
5 4 'Structure model' '_em_3d_fitting_list.source_name'                 
6 4 'Structure model' '_em_3d_fitting_list.type'                        
# 
_pdbx_database_status.status_code                     REL 
_pdbx_database_status.entry_id                        1QZB 
_pdbx_database_status.recvd_initial_deposition_date   2003-09-16 
_pdbx_database_status.deposit_site                    RCSB 
_pdbx_database_status.process_site                    RCSB 
_pdbx_database_status.SG_entry                        . 
_pdbx_database_status.status_code_sf                  ? 
_pdbx_database_status.status_code_mr                  ? 
_pdbx_database_status.pdb_format_compatible           Y 
_pdbx_database_status.status_code_cs                  ? 
_pdbx_database_status.status_code_nmr_data            ? 
_pdbx_database_status.methods_development_category    ? 
# 
loop_
_pdbx_database_related.db_name 
_pdbx_database_related.db_id 
_pdbx_database_related.details 
_pdbx_database_related.content_type 
PDB  1OB2     'E. coli elongation factor EF-Tu complexed with the antibiotic kirromycin, a GTP analog, and Phe-tRNA' unspecified 
PDB  1QZA     
'Coordinates of the A/T site tRNA model fitted into the cryo-EM map of EF-Tu ternary complex (GDP.Kirromycin) bound 70S ribosome' 
unspecified            
PDB  1QZC     
;Coordinates of S12, SH44, LH69 and SRL separately fitted into the cryo-EM map of EF-Tu ternary complex (GDP.Kirromycin) bound 70S ribosome
;
unspecified            
PDB  1QZD     
'EF-Tu.kirromycin coordinates fitted into the cryo-EM map of EF-Tu ternary complex (GDP.Kirromycin) bound 70S ribosome' 
unspecified            
PDB  1R2W     'COORDINATES OF L11 WITH 58NTS OF 23S RRNA FITTED INTO THE CRYO-EM MAP OF THE 70S RIBOSOME' unspecified            
PDB  1R2X     
'COORDINATES OF L11 WITH 58NTS OF 23S RRNA FITTED INTO THE CRYO-EM MAP OF EF-TU TERNARY COMPLEX (GDP.KIRROMYCIN) BOUND 70S RIBOSOME' 
unspecified            
EMDB EMD-1056 . 'associated EM volume' 
# 
loop_
_audit_author.name 
_audit_author.pdbx_ordinal 
'Valle, M.'     1  
'Zavialov, A.'  2  
'Li, W.'        3  
'Stagg, S.M.'   4  
'Sengupta, J.'  5  
'Nielsen, R.C.' 6  
'Nissen, P.'    7  
'Harvey, S.C.'  8  
'Ehrenberg, M.' 9  
'Frank, J.'     10 
# 
_citation.id                        primary 
_citation.title                     'Incorporation of Aminoacyl-tRNA into the Ribosome as seen by Cryo-electron Microscopy' 
_citation.journal_abbrev            Nat.Struct.Biol. 
_citation.journal_volume            10 
_citation.page_first                899 
_citation.page_last                 906 
_citation.year                      2003 
_citation.journal_id_ASTM           NSBIEW 
_citation.country                   US 
_citation.journal_id_ISSN           1072-8368 
_citation.journal_id_CSD            2024 
_citation.book_publisher            ? 
_citation.pdbx_database_id_PubMed   14566331 
_citation.pdbx_database_id_DOI      10.1038/nsb1003 
# 
loop_
_citation_author.citation_id 
_citation_author.name 
_citation_author.ordinal 
_citation_author.identifier_ORCID 
primary 'Valle, M.'     1  ? 
primary 'Zavialov, A.'  2  ? 
primary 'Li, W.'        3  ? 
primary 'Stagg, S.M.'   4  ? 
primary 'Sengupta, J.'  5  ? 
primary 'Nielsen, R.C.' 6  ? 
primary 'Nissen, P.'    7  ? 
primary 'Harvey, S.C.'  8  ? 
primary 'Ehrenberg, M.' 9  ? 
primary 'Frank, J.'     10 ? 
# 
_entity.id                         1 
_entity.type                       polymer 
_entity.src_method                 syn 
_entity.pdbx_description           Phe-tRNA 
_entity.formula_weight             24518.570 
_entity.pdbx_number_of_molecules   1 
_entity.pdbx_ec                    ? 
_entity.pdbx_mutation              ? 
_entity.pdbx_fragment              ? 
_entity.details                    ? 
# 
_entity_poly.entity_id                      1 
_entity_poly.type                           polyribonucleotide 
_entity_poly.nstd_linkage                   no 
_entity_poly.nstd_monomer                   no 
_entity_poly.pdbx_seq_one_letter_code       GCGGAUUUAGCUCAGUUGGGAGAGCGCCAGACUGAAGAUCUGGAGGUCCUGUGUUCGAUCCACAGAAUUCGCACCA 
_entity_poly.pdbx_seq_one_letter_code_can   GCGGAUUUAGCUCAGUUGGGAGAGCGCCAGACUGAAGAUCUGGAGGUCCUGUGUUCGAUCCACAGAAUUCGCACCA 
_entity_poly.pdbx_strand_id                 B 
_entity_poly.pdbx_target_identifier         ? 
# 
loop_
_entity_poly_seq.entity_id 
_entity_poly_seq.num 
_entity_poly_seq.mon_id 
_entity_poly_seq.hetero 
1 1  G n 
1 2  C n 
1 3  G n 
1 4  G n 
1 5  A n 
1 6  U n 
1 7  U n 
1 8  U n 
1 9  A n 
1 10 G n 
1 11 C n 
1 12 U n 
1 13 C n 
1 14 A n 
1 15 G n 
1 16 U n 
1 17 U n 
1 18 G n 
1 19 G n 
1 20 G n 
1 21 A n 
1 22 G n 
1 23 A n 
1 24 G n 
1 25 C n 
1 26 G n 
1 27 C n 
1 28 C n 
1 29 A n 
1 30 G n 
1 31 A n 
1 32 C n 
1 33 U n 
1 34 G n 
1 35 A n 
1 36 A n 
1 37 G n 
1 38 A n 
1 39 U n 
1 40 C n 
1 41 U n 
1 42 G n 
1 43 G n 
1 44 A n 
1 45 G n 
1 46 G n 
1 47 U n 
1 48 C n 
1 49 C n 
1 50 U n 
1 51 G n 
1 52 U n 
1 53 G n 
1 54 U n 
1 55 U n 
1 56 C n 
1 57 G n 
1 58 A n 
1 59 U n 
1 60 C n 
1 61 C n 
1 62 A n 
1 63 C n 
1 64 A n 
1 65 G n 
1 66 A n 
1 67 A n 
1 68 U n 
1 69 U n 
1 70 C n 
1 71 G n 
1 72 C n 
1 73 A n 
1 74 C n 
1 75 C n 
1 76 A n 
# 
loop_
_chem_comp.id 
_chem_comp.type 
_chem_comp.mon_nstd_flag 
_chem_comp.name 
_chem_comp.pdbx_synonyms 
_chem_comp.formula 
_chem_comp.formula_weight 
A 'RNA linking' y "ADENOSINE-5'-MONOPHOSPHATE" ? 'C10 H14 N5 O7 P' 347.221 
C 'RNA linking' y "CYTIDINE-5'-MONOPHOSPHATE"  ? 'C9 H14 N3 O8 P'  323.197 
G 'RNA linking' y "GUANOSINE-5'-MONOPHOSPHATE" ? 'C10 H14 N5 O8 P' 363.221 
U 'RNA linking' y "URIDINE-5'-MONOPHOSPHATE"   ? 'C9 H13 N2 O9 P'  324.181 
# 
loop_
_pdbx_poly_seq_scheme.asym_id 
_pdbx_poly_seq_scheme.entity_id 
_pdbx_poly_seq_scheme.seq_id 
_pdbx_poly_seq_scheme.mon_id 
_pdbx_poly_seq_scheme.ndb_seq_num 
_pdbx_poly_seq_scheme.pdb_seq_num 
_pdbx_poly_seq_scheme.auth_seq_num 
_pdbx_poly_seq_scheme.pdb_mon_id 
_pdbx_poly_seq_scheme.auth_mon_id 
_pdbx_poly_seq_scheme.pdb_strand_id 
_pdbx_poly_seq_scheme.pdb_ins_code 
_pdbx_poly_seq_scheme.hetero 
A 1 1  G 1  1  ?  ? ? B . n 
A 1 2  C 2  2  2  C C B . n 
A 1 3  G 3  3  3  G G B . n 
A 1 4  G 4  4  4  G G B . n 
A 1 5  A 5  5  5  A A B . n 
A 1 6  U 6  6  6  U U B . n 
A 1 7  U 7  7  7  U U B . n 
A 1 8  U 8  8  8  U U B . n 
A 1 9  A 9  9  9  A A B . n 
A 1 10 G 10 10 10 G G B . n 
A 1 11 C 11 11 11 C C B . n 
A 1 12 U 12 12 12 U U B . n 
A 1 13 C 13 13 13 C C B . n 
A 1 14 A 14 14 14 A A B . n 
A 1 15 G 15 15 15 G G B . n 
A 1 16 U 16 16 16 U U B . n 
A 1 17 U 17 17 17 U U B . n 
A 1 18 G 18 18 18 G G B . n 
A 1 19 G 19 19 19 G G B . n 
A 1 20 G 20 20 20 G G B . n 
A 1 21 A 21 21 21 A A B . n 
A 1 22 G 22 22 22 G G B . n 
A 1 23 A 23 23 23 A A B . n 
A 1 24 G 24 24 24 G G B . n 
A 1 25 C 25 25 25 C C B . n 
A 1 26 G 26 26 26 G G B . n 
A 1 27 C 27 27 27 C C B . n 
A 1 28 C 28 28 28 C C B . n 
A 1 29 A 29 29 29 A A B . n 
A 1 30 G 30 30 30 G G B . n 
A 1 31 A 31 31 31 A A B . n 
A 1 32 C 32 32 32 C C B . n 
A 1 33 U 33 33 33 U U B . n 
A 1 34 G 34 34 34 G G B . n 
A 1 35 A 35 35 35 A A B . n 
A 1 36 A 36 36 36 A A B . n 
A 1 37 G 37 37 37 G G B . n 
A 1 38 A 38 38 38 A A B . n 
A 1 39 U 39 39 39 U U B . n 
A 1 40 C 40 40 40 C C B . n 
A 1 41 U 41 41 41 U U B . n 
A 1 42 G 42 42 42 G G B . n 
A 1 43 G 43 43 43 G G B . n 
A 1 44 A 44 44 44 A A B . n 
A 1 45 G 45 45 45 G G B . n 
A 1 46 G 46 46 46 G G B . n 
A 1 47 U 47 47 47 U U B . n 
A 1 48 C 48 48 48 C C B . n 
A 1 49 C 49 49 49 C C B . n 
A 1 50 U 50 50 50 U U B . n 
A 1 51 G 51 51 51 G G B . n 
A 1 52 U 52 52 52 U U B . n 
A 1 53 G 53 53 53 G G B . n 
A 1 54 U 54 54 54 U U B . n 
A 1 55 U 55 55 55 U U B . n 
A 1 56 C 56 56 56 C C B . n 
A 1 57 G 57 57 57 G G B . n 
A 1 58 A 58 58 58 A A B . n 
A 1 59 U 59 59 59 U U B . n 
A 1 60 C 60 60 60 C C B . n 
A 1 61 C 61 61 61 C C B . n 
A 1 62 A 62 62 62 A A B . n 
A 1 63 C 63 63 63 C C B . n 
A 1 64 A 64 64 64 A A B . n 
A 1 65 G 65 65 65 G G B . n 
A 1 66 A 66 66 66 A A B . n 
A 1 67 A 67 67 67 A A B . n 
A 1 68 U 68 68 68 U U B . n 
A 1 69 U 69 69 69 U U B . n 
A 1 70 C 70 70 70 C C B . n 
A 1 71 G 71 71 71 G G B . n 
A 1 72 C 72 72 72 C C B . n 
A 1 73 A 73 73 73 A A B . n 
A 1 74 C 74 74 74 C C B . n 
A 1 75 C 75 75 75 C C B . n 
A 1 76 A 76 76 76 A A B . n 
# 
_cell.entry_id           1QZB 
_cell.length_a           1 
_cell.length_b           1 
_cell.length_c           1 
_cell.angle_alpha        90 
_cell.angle_beta         90 
_cell.angle_gamma        90 
_cell.pdbx_unique_axis   ? 
_cell.Z_PDB              1 
_cell.length_a_esd       ? 
_cell.length_b_esd       ? 
_cell.length_c_esd       ? 
_cell.angle_alpha_esd    ? 
_cell.angle_beta_esd     ? 
_cell.angle_gamma_esd    ? 
# 
_symmetry.entry_id                         1QZB 
_symmetry.space_group_name_H-M             'P 1' 
_symmetry.pdbx_full_space_group_name_H-M   ? 
_symmetry.Int_Tables_number                1 
_symmetry.cell_setting                     ? 
# 
_exptl.entry_id          1QZB 
_exptl.method            'ELECTRON MICROSCOPY' 
_exptl.crystals_number   ? 
# 
_refine_hist.pdbx_refine_id                   'ELECTRON MICROSCOPY' 
_refine_hist.cycle_id                         LAST 
_refine_hist.pdbx_number_atoms_protein        0 
_refine_hist.pdbx_number_atoms_nucleic_acid   75 
_refine_hist.pdbx_number_atoms_ligand         0 
_refine_hist.number_atoms_solvent             0 
_refine_hist.number_atoms_total               75 
_refine_hist.d_res_high                       . 
_refine_hist.d_res_low                        . 
# 
_struct.entry_id                  1QZB 
_struct.title                     
'Coordinates of the A-site tRNA model fitted into the cryo-EM map of 70S ribosome in the pre-translocational state' 
_struct.pdbx_model_details        ? 
_struct.pdbx_CASP_flag            ? 
_struct.pdbx_model_type_details   ? 
# 
_struct_keywords.entry_id        1QZB 
_struct_keywords.pdbx_keywords   RNA 
_struct_keywords.text            'A-site tRNA, RNA' 
# 
_struct_asym.id                            A 
_struct_asym.pdbx_blank_PDB_chainid_flag   N 
_struct_asym.pdbx_modified                 N 
_struct_asym.entity_id                     1 
_struct_asym.details                       ? 
# 
_struct_ref.id                         1 
_struct_ref.entity_id                  1 
_struct_ref.db_name                    PDB 
_struct_ref.db_code                    1QZB 
_struct_ref.pdbx_db_accession          1QZB 
_struct_ref.pdbx_db_isoform            ? 
_struct_ref.pdbx_seq_one_letter_code   ? 
_struct_ref.pdbx_align_begin           ? 
# 
_struct_ref_seq.align_id                      1 
_struct_ref_seq.ref_id                        1 
_struct_ref_seq.pdbx_PDB_id_code              1QZB 
_struct_ref_seq.pdbx_strand_id                B 
_struct_ref_seq.seq_align_beg                 1 
_struct_ref_seq.pdbx_seq_align_beg_ins_code   ? 
_struct_ref_seq.seq_align_end                 76 
_struct_ref_seq.pdbx_seq_align_end_ins_code   ? 
_struct_ref_seq.pdbx_db_accession             1QZB 
_struct_ref_seq.db_align_beg                  1 
_struct_ref_seq.pdbx_db_align_beg_ins_code    ? 
_struct_ref_seq.db_align_end                  76 
_struct_ref_seq.pdbx_db_align_end_ins_code    ? 
_struct_ref_seq.pdbx_auth_seq_align_beg       1 
_struct_ref_seq.pdbx_auth_seq_align_end       76 
# 
_pdbx_struct_assembly.id                   1 
_pdbx_struct_assembly.details              author_defined_assembly 
_pdbx_struct_assembly.method_details       ? 
_pdbx_struct_assembly.oligomeric_details   monomeric 
_pdbx_struct_assembly.oligomeric_count     1 
# 
_pdbx_struct_assembly_gen.assembly_id       1 
_pdbx_struct_assembly_gen.oper_expression   1 
_pdbx_struct_assembly_gen.asym_id_list      A 
# 
_pdbx_struct_oper_list.id                   1 
_pdbx_struct_oper_list.type                 'identity operation' 
_pdbx_struct_oper_list.name                 1_555 
_pdbx_struct_oper_list.symmetry_operation   x,y,z 
_pdbx_struct_oper_list.matrix[1][1]         1.0000000000 
_pdbx_struct_oper_list.matrix[1][2]         0.0000000000 
_pdbx_struct_oper_list.matrix[1][3]         0.0000000000 
_pdbx_struct_oper_list.vector[1]            0.0000000000 
_pdbx_struct_oper_list.matrix[2][1]         0.0000000000 
_pdbx_struct_oper_list.matrix[2][2]         1.0000000000 
_pdbx_struct_oper_list.matrix[2][3]         0.0000000000 
_pdbx_struct_oper_list.vector[2]            0.0000000000 
_pdbx_struct_oper_list.matrix[3][1]         0.0000000000 
_pdbx_struct_oper_list.matrix[3][2]         0.0000000000 
_pdbx_struct_oper_list.matrix[3][3]         1.0000000000 
_pdbx_struct_oper_list.vector[3]            0.0000000000 
# 
_struct_biol.id                    1 
_struct_biol.pdbx_parent_biol_id   ? 
_struct_biol.details               ? 
# 
_pdbx_database_remark.id     999 
_pdbx_database_remark.text   
;SEQUENCE
THE STRUCTURE CONTAINS P ATOMS ONLY 
;
# 
_em_3d_fitting.id                1 
_em_3d_fitting.entry_id          1QZB 
_em_3d_fitting.ref_protocol      OTHER 
_em_3d_fitting.ref_space         REAL 
_em_3d_fitting.overall_b_value   ? 
_em_3d_fitting.target_criteria   ? 
_em_3d_fitting.details           'METHOD--Manual fitting in O' 
_em_3d_fitting.method            ? 
# 
_em_3d_fitting_list.3d_fitting_id                 1 
_em_3d_fitting_list.id                            1 
_em_3d_fitting_list.pdb_entry_id                  1OB2 
_em_3d_fitting_list.pdb_chain_id                  ? 
_em_3d_fitting_list.details                       ? 
_em_3d_fitting_list.initial_refinement_model_id   1 
_em_3d_fitting_list.chain_id                      ? 
_em_3d_fitting_list.chain_residue_range           ? 
_em_3d_fitting_list.pdb_chain_residue_range       ? 
_em_3d_fitting_list.source_name                   PDB 
_em_3d_fitting_list.type                          'experimental model' 
_em_3d_fitting_list.accession_code                1OB2 
# 
_em_3d_reconstruction.entry_id                    1QZB 
_em_3d_reconstruction.id                          1 
_em_3d_reconstruction.symmetry_type               POINT 
_em_3d_reconstruction.num_particles               52181 
_em_3d_reconstruction.image_processing_id         1 
_em_3d_reconstruction.method                      '3D projection matching; conjugate gradient with regularization' 
_em_3d_reconstruction.nominal_pixel_size          ? 
_em_3d_reconstruction.actual_pixel_size           2.82 
_em_3d_reconstruction.resolution                  9 
_em_3d_reconstruction.magnification_calibration   TMV 
_em_3d_reconstruction.details                     'SPIDER package' 
_em_3d_reconstruction.resolution_method           ? 
_em_3d_reconstruction.num_class_averages          ? 
_em_3d_reconstruction.algorithm                   ? 
# 
_em_buffer.id            1 
_em_buffer.specimen_id   1 
_em_buffer.name          'Polymix buffer' 
_em_buffer.pH            7.5 
_em_buffer.details       'Polymix buffer' 
# 
loop_
_em_entity_assembly.id 
_em_entity_assembly.name 
_em_entity_assembly.type 
_em_entity_assembly.parent_id 
_em_entity_assembly.synonym 
_em_entity_assembly.details 
_em_entity_assembly.oligomeric_details 
1 '70S ribosome' RIBOSOME 0 ? 
;70S bearing deacylated tRNAfMet in the P site and dipeptidyl MP-tRNA in the A site. Same complex as in project 
138 but in the absence of Kirromicin. The Phe-tRNA is fully delivered to the A-site and after the peptide bond formation the dipeptidyl-tRNA stays in 
the A site. mRNA codes for MP-stop
;
? 
2 tRNA           ?        1 ? ? ? 
# 
_em_imaging.entry_id                        1QZB 
_em_imaging.id                              1 
_em_imaging.specimen_id                     1 
_em_imaging.date                            ? 
_em_imaging.temperature                     93 
_em_imaging.microscope_model                'FEI TECNAI F20' 
_em_imaging.nominal_defocus_min             2000 
_em_imaging.nominal_defocus_max             4000 
_em_imaging.tilt_angle_min                  0 
_em_imaging.tilt_angle_max                  0 
_em_imaging.nominal_cs                      2.0 
_em_imaging.mode                            'BRIGHT FIELD' 
_em_imaging.illumination_mode               'FLOOD BEAM' 
_em_imaging.nominal_magnification           50000 
_em_imaging.calibrated_magnification        49696 
_em_imaging.electron_source                 'FIELD EMISSION GUN' 
_em_imaging.accelerating_voltage            200 
_em_imaging.details                         ? 
_em_imaging.specimen_holder_type            ? 
_em_imaging.specimen_holder_model           ? 
_em_imaging.citation_id                     ? 
_em_imaging.detector_distance               ? 
_em_imaging.recording_temperature_maximum   ? 
_em_imaging.recording_temperature_minimum   ? 
_em_imaging.astigmatism                     ? 
_em_imaging.electron_beam_tilt_params       ? 
# 
_em_sample_support.id               1 
_em_sample_support.specimen_id      1 
_em_sample_support.details          'Quantifoil holley carbon film grids' 
_em_sample_support.film_material    ? 
_em_sample_support.grid_material    ? 
_em_sample_support.grid_mesh_size   ? 
_em_sample_support.grid_type        ? 
_em_sample_support.method           ? 
# 
_em_vitrification.entry_id              1QZB 
_em_vitrification.id                    1 
_em_vitrification.cryogen_name          ETHANE 
_em_vitrification.details               'Rapid-freezing in liquid ethane' 
_em_vitrification.citation_id           ? 
_em_vitrification.humidity              ? 
_em_vitrification.instrument            ? 
_em_vitrification.method                ? 
_em_vitrification.specimen_id           1 
_em_vitrification.temp                  ? 
_em_vitrification.time_resolved_state   ? 
# 
_em_experiment.entry_id                1QZB 
_em_experiment.id                      1 
_em_experiment.aggregation_state       PARTICLE 
_em_experiment.entity_assembly_id      1 
_em_experiment.reconstruction_method   'SINGLE PARTICLE' 
# 
_em_single_particle_entity.entry_id              1QZB 
_em_single_particle_entity.id                    1 
_em_single_particle_entity.point_symmetry        C1 
_em_single_particle_entity.image_processing_id   1 
# 
_pdbx_unobs_or_zero_occ_residues.id               1 
_pdbx_unobs_or_zero_occ_residues.PDB_model_num    1 
_pdbx_unobs_or_zero_occ_residues.polymer_flag     Y 
_pdbx_unobs_or_zero_occ_residues.occupancy_flag   1 
_pdbx_unobs_or_zero_occ_residues.auth_asym_id     B 
_pdbx_unobs_or_zero_occ_residues.auth_comp_id     G 
_pdbx_unobs_or_zero_occ_residues.auth_seq_id      1 
_pdbx_unobs_or_zero_occ_residues.PDB_ins_code     ? 
_pdbx_unobs_or_zero_occ_residues.label_asym_id    A 
_pdbx_unobs_or_zero_occ_residues.label_comp_id    G 
_pdbx_unobs_or_zero_occ_residues.label_seq_id     1 
# 
loop_
_chem_comp_atom.comp_id 
_chem_comp_atom.atom_id 
_chem_comp_atom.type_symbol 
_chem_comp_atom.pdbx_aromatic_flag 
_chem_comp_atom.pdbx_stereo_config 
_chem_comp_atom.pdbx_ordinal 
A OP3    O N N 1   
A P      P N N 2   
A OP1    O N N 3   
A OP2    O N N 4   
A "O5'"  O N N 5   
A "C5'"  C N N 6   
A "C4'"  C N R 7   
A "O4'"  O N N 8   
A "C3'"  C N S 9   
A "O3'"  O N N 10  
A "C2'"  C N R 11  
A "O2'"  O N N 12  
A "C1'"  C N R 13  
A N9     N Y N 14  
A C8     C Y N 15  
A N7     N Y N 16  
A C5     C Y N 17  
A C6     C Y N 18  
A N6     N N N 19  
A N1     N Y N 20  
A C2     C Y N 21  
A N3     N Y N 22  
A C4     C Y N 23  
A HOP3   H N N 24  
A HOP2   H N N 25  
A "H5'"  H N N 26  
A "H5''" H N N 27  
A "H4'"  H N N 28  
A "H3'"  H N N 29  
A "HO3'" H N N 30  
A "H2'"  H N N 31  
A "HO2'" H N N 32  
A "H1'"  H N N 33  
A H8     H N N 34  
A H61    H N N 35  
A H62    H N N 36  
A H2     H N N 37  
C OP3    O N N 38  
C P      P N N 39  
C OP1    O N N 40  
C OP2    O N N 41  
C "O5'"  O N N 42  
C "C5'"  C N N 43  
C "C4'"  C N R 44  
C "O4'"  O N N 45  
C "C3'"  C N S 46  
C "O3'"  O N N 47  
C "C2'"  C N R 48  
C "O2'"  O N N 49  
C "C1'"  C N R 50  
C N1     N N N 51  
C C2     C N N 52  
C O2     O N N 53  
C N3     N N N 54  
C C4     C N N 55  
C N4     N N N 56  
C C5     C N N 57  
C C6     C N N 58  
C HOP3   H N N 59  
C HOP2   H N N 60  
C "H5'"  H N N 61  
C "H5''" H N N 62  
C "H4'"  H N N 63  
C "H3'"  H N N 64  
C "HO3'" H N N 65  
C "H2'"  H N N 66  
C "HO2'" H N N 67  
C "H1'"  H N N 68  
C H41    H N N 69  
C H42    H N N 70  
C H5     H N N 71  
C H6     H N N 72  
G OP3    O N N 73  
G P      P N N 74  
G OP1    O N N 75  
G OP2    O N N 76  
G "O5'"  O N N 77  
G "C5'"  C N N 78  
G "C4'"  C N R 79  
G "O4'"  O N N 80  
G "C3'"  C N S 81  
G "O3'"  O N N 82  
G "C2'"  C N R 83  
G "O2'"  O N N 84  
G "C1'"  C N R 85  
G N9     N Y N 86  
G C8     C Y N 87  
G N7     N Y N 88  
G C5     C Y N 89  
G C6     C N N 90  
G O6     O N N 91  
G N1     N N N 92  
G C2     C N N 93  
G N2     N N N 94  
G N3     N N N 95  
G C4     C Y N 96  
G HOP3   H N N 97  
G HOP2   H N N 98  
G "H5'"  H N N 99  
G "H5''" H N N 100 
G "H4'"  H N N 101 
G "H3'"  H N N 102 
G "HO3'" H N N 103 
G "H2'"  H N N 104 
G "HO2'" H N N 105 
G "H1'"  H N N 106 
G H8     H N N 107 
G H1     H N N 108 
G H21    H N N 109 
G H22    H N N 110 
U OP3    O N N 111 
U P      P N N 112 
U OP1    O N N 113 
U OP2    O N N 114 
U "O5'"  O N N 115 
U "C5'"  C N N 116 
U "C4'"  C N R 117 
U "O4'"  O N N 118 
U "C3'"  C N S 119 
U "O3'"  O N N 120 
U "C2'"  C N R 121 
U "O2'"  O N N 122 
U "C1'"  C N R 123 
U N1     N N N 124 
U C2     C N N 125 
U O2     O N N 126 
U N3     N N N 127 
U C4     C N N 128 
U O4     O N N 129 
U C5     C N N 130 
U C6     C N N 131 
U HOP3   H N N 132 
U HOP2   H N N 133 
U "H5'"  H N N 134 
U "H5''" H N N 135 
U "H4'"  H N N 136 
U "H3'"  H N N 137 
U "HO3'" H N N 138 
U "H2'"  H N N 139 
U "HO2'" H N N 140 
U "H1'"  H N N 141 
U H3     H N N 142 
U H5     H N N 143 
U H6     H N N 144 
# 
loop_
_chem_comp_bond.comp_id 
_chem_comp_bond.atom_id_1 
_chem_comp_bond.atom_id_2 
_chem_comp_bond.value_order 
_chem_comp_bond.pdbx_aromatic_flag 
_chem_comp_bond.pdbx_stereo_config 
_chem_comp_bond.pdbx_ordinal 
A OP3   P      sing N N 1   
A OP3   HOP3   sing N N 2   
A P     OP1    doub N N 3   
A P     OP2    sing N N 4   
A P     "O5'"  sing N N 5   
A OP2   HOP2   sing N N 6   
A "O5'" "C5'"  sing N N 7   
A "C5'" "C4'"  sing N N 8   
A "C5'" "H5'"  sing N N 9   
A "C5'" "H5''" sing N N 10  
A "C4'" "O4'"  sing N N 11  
A "C4'" "C3'"  sing N N 12  
A "C4'" "H4'"  sing N N 13  
A "O4'" "C1'"  sing N N 14  
A "C3'" "O3'"  sing N N 15  
A "C3'" "C2'"  sing N N 16  
A "C3'" "H3'"  sing N N 17  
A "O3'" "HO3'" sing N N 18  
A "C2'" "O2'"  sing N N 19  
A "C2'" "C1'"  sing N N 20  
A "C2'" "H2'"  sing N N 21  
A "O2'" "HO2'" sing N N 22  
A "C1'" N9     sing N N 23  
A "C1'" "H1'"  sing N N 24  
A N9    C8     sing Y N 25  
A N9    C4     sing Y N 26  
A C8    N7     doub Y N 27  
A C8    H8     sing N N 28  
A N7    C5     sing Y N 29  
A C5    C6     sing Y N 30  
A C5    C4     doub Y N 31  
A C6    N6     sing N N 32  
A C6    N1     doub Y N 33  
A N6    H61    sing N N 34  
A N6    H62    sing N N 35  
A N1    C2     sing Y N 36  
A C2    N3     doub Y N 37  
A C2    H2     sing N N 38  
A N3    C4     sing Y N 39  
C OP3   P      sing N N 40  
C OP3   HOP3   sing N N 41  
C P     OP1    doub N N 42  
C P     OP2    sing N N 43  
C P     "O5'"  sing N N 44  
C OP2   HOP2   sing N N 45  
C "O5'" "C5'"  sing N N 46  
C "C5'" "C4'"  sing N N 47  
C "C5'" "H5'"  sing N N 48  
C "C5'" "H5''" sing N N 49  
C "C4'" "O4'"  sing N N 50  
C "C4'" "C3'"  sing N N 51  
C "C4'" "H4'"  sing N N 52  
C "O4'" "C1'"  sing N N 53  
C "C3'" "O3'"  sing N N 54  
C "C3'" "C2'"  sing N N 55  
C "C3'" "H3'"  sing N N 56  
C "O3'" "HO3'" sing N N 57  
C "C2'" "O2'"  sing N N 58  
C "C2'" "C1'"  sing N N 59  
C "C2'" "H2'"  sing N N 60  
C "O2'" "HO2'" sing N N 61  
C "C1'" N1     sing N N 62  
C "C1'" "H1'"  sing N N 63  
C N1    C2     sing N N 64  
C N1    C6     sing N N 65  
C C2    O2     doub N N 66  
C C2    N3     sing N N 67  
C N3    C4     doub N N 68  
C C4    N4     sing N N 69  
C C4    C5     sing N N 70  
C N4    H41    sing N N 71  
C N4    H42    sing N N 72  
C C5    C6     doub N N 73  
C C5    H5     sing N N 74  
C C6    H6     sing N N 75  
G OP3   P      sing N N 76  
G OP3   HOP3   sing N N 77  
G P     OP1    doub N N 78  
G P     OP2    sing N N 79  
G P     "O5'"  sing N N 80  
G OP2   HOP2   sing N N 81  
G "O5'" "C5'"  sing N N 82  
G "C5'" "C4'"  sing N N 83  
G "C5'" "H5'"  sing N N 84  
G "C5'" "H5''" sing N N 85  
G "C4'" "O4'"  sing N N 86  
G "C4'" "C3'"  sing N N 87  
G "C4'" "H4'"  sing N N 88  
G "O4'" "C1'"  sing N N 89  
G "C3'" "O3'"  sing N N 90  
G "C3'" "C2'"  sing N N 91  
G "C3'" "H3'"  sing N N 92  
G "O3'" "HO3'" sing N N 93  
G "C2'" "O2'"  sing N N 94  
G "C2'" "C1'"  sing N N 95  
G "C2'" "H2'"  sing N N 96  
G "O2'" "HO2'" sing N N 97  
G "C1'" N9     sing N N 98  
G "C1'" "H1'"  sing N N 99  
G N9    C8     sing Y N 100 
G N9    C4     sing Y N 101 
G C8    N7     doub Y N 102 
G C8    H8     sing N N 103 
G N7    C5     sing Y N 104 
G C5    C6     sing N N 105 
G C5    C4     doub Y N 106 
G C6    O6     doub N N 107 
G C6    N1     sing N N 108 
G N1    C2     sing N N 109 
G N1    H1     sing N N 110 
G C2    N2     sing N N 111 
G C2    N3     doub N N 112 
G N2    H21    sing N N 113 
G N2    H22    sing N N 114 
G N3    C4     sing N N 115 
U OP3   P      sing N N 116 
U OP3   HOP3   sing N N 117 
U P     OP1    doub N N 118 
U P     OP2    sing N N 119 
U P     "O5'"  sing N N 120 
U OP2   HOP2   sing N N 121 
U "O5'" "C5'"  sing N N 122 
U "C5'" "C4'"  sing N N 123 
U "C5'" "H5'"  sing N N 124 
U "C5'" "H5''" sing N N 125 
U "C4'" "O4'"  sing N N 126 
U "C4'" "C3'"  sing N N 127 
U "C4'" "H4'"  sing N N 128 
U "O4'" "C1'"  sing N N 129 
U "C3'" "O3'"  sing N N 130 
U "C3'" "C2'"  sing N N 131 
U "C3'" "H3'"  sing N N 132 
U "O3'" "HO3'" sing N N 133 
U "C2'" "O2'"  sing N N 134 
U "C2'" "C1'"  sing N N 135 
U "C2'" "H2'"  sing N N 136 
U "O2'" "HO2'" sing N N 137 
U "C1'" N1     sing N N 138 
U "C1'" "H1'"  sing N N 139 
U N1    C2     sing N N 140 
U N1    C6     sing N N 141 
U C2    O2     doub N N 142 
U C2    N3     sing N N 143 
U N3    C4     sing N N 144 
U N3    H3     sing N N 145 
U C4    O4     doub N N 146 
U C4    C5     sing N N 147 
U C5    C6     doub N N 148 
U C5    H5     sing N N 149 
U C6    H6     sing N N 150 
# 
_em_ctf_correction.id        1 
_em_ctf_correction.details   'CTF correction of 3D maps by Wiener filteration' 
_em_ctf_correction.type      . 
# 
_em_image_processing.id                   1 
_em_image_processing.image_recording_id   1 
_em_image_processing.details              ? 
# 
_em_image_recording.details                       ? 
_em_image_recording.id                            1 
_em_image_recording.avg_electron_dose_per_image   20 
_em_image_recording.film_or_detector_model        'KODAK SO-163 FILM' 
_em_image_recording.imaging_id                    1 
_em_image_recording.detector_mode                 ? 
_em_image_recording.average_exposure_time         ? 
_em_image_recording.num_diffraction_images        ? 
_em_image_recording.num_grids_imaged              ? 
_em_image_recording.num_real_images               ? 
# 
_em_specimen.experiment_id           1 
_em_specimen.id                      1 
_em_specimen.concentration           32 
_em_specimen.vitrification_applied   YES 
_em_specimen.staining_applied        NO 
_em_specimen.embedding_applied       NO 
_em_specimen.shadowing_applied       NO 
_em_specimen.details                 ? 
# 
_pdbx_coordinate_model.asym_id   A 
_pdbx_coordinate_model.type      'P ATOMS ONLY' 
# 
_pdbx_initial_refinement_model.id               1 
_pdbx_initial_refinement_model.type             'experimental model' 
_pdbx_initial_refinement_model.source_name      PDB 
_pdbx_initial_refinement_model.accession_code   1OB2 
# 
_atom_sites.entry_id                    1QZB 
_atom_sites.fract_transf_matrix[1][1]   1.000000 
_atom_sites.fract_transf_matrix[1][2]   0.000000 
_atom_sites.fract_transf_matrix[1][3]   0.000000 
_atom_sites.fract_transf_matrix[2][1]   0.000000 
_atom_sites.fract_transf_matrix[2][2]   1.000000 
_atom_sites.fract_transf_matrix[2][3]   0.000000 
_atom_sites.fract_transf_matrix[3][1]   0.000000 
_atom_sites.fract_transf_matrix[3][2]   0.000000 
_atom_sites.fract_transf_matrix[3][3]   1.000000 
_atom_sites.fract_transf_vector[1]      0.00000 
_atom_sites.fract_transf_vector[2]      0.00000 
_atom_sites.fract_transf_vector[3]      0.00000 
# 
_atom_type.symbol   P 
# 
loop_
_atom_site.group_PDB 
_atom_site.id 
_atom_site.type_symbol 
_atom_site.label_atom_id 
_atom_site.label_alt_id 
_atom_site.label_comp_id 
_atom_site.label_asym_id 
_atom_site.label_entity_id 
_atom_site.label_seq_id 
_atom_site.pdbx_PDB_ins_code 
_atom_site.Cartn_x 
_atom_site.Cartn_y 
_atom_site.Cartn_z 
_atom_site.occupancy 
_atom_site.B_iso_or_equiv 
_atom_site.pdbx_formal_charge 
_atom_site.auth_seq_id 
_atom_site.auth_comp_id 
_atom_site.auth_asym_id 
_atom_site.auth_atom_id 
_atom_site.pdbx_PDB_model_num 
ATOM 1  P P . C A 1 2  ? 27.085  -7.615  -9.903  1.00 36.15  ? 2  C B P 1 
ATOM 2  P P . G A 1 3  ? 27.122  -2.823  -6.898  1.00 38.57  ? 3  G B P 1 
ATOM 3  P P . G A 1 4  ? 23.458  1.753   -4.851  1.00 50.13  ? 4  G B P 1 
ATOM 4  P P . A A 1 5  ? 18.401  4.725   -3.968  1.00 46.12  ? 5  A B P 1 
ATOM 5  P P . U A 1 6  ? 12.899  5.724   -3.349  1.00 41.93  ? 6  U B P 1 
ATOM 6  P P . U A 1 7  ? 7.254   3.953   -2.434  1.00 39.61  ? 7  U B P 1 
ATOM 7  P P . U A 1 8  ? 1.668   -0.225  -3.200  1.00 38.44  ? 8  U B P 1 
ATOM 8  P P . A A 1 9  ? -2.051  -1.096  -0.894  1.00 30.30  ? 9  A B P 1 
ATOM 9  P P . G A 1 10 ? -7.375  -4.874  -2.187  1.00 36.63  ? 10 G B P 1 
ATOM 10 P P . C A 1 11 ? -5.443  -2.150  -7.373  1.00 48.28  ? 11 C B P 1 
ATOM 11 P P . U A 1 12 ? -3.892  2.757   -9.778  1.00 38.23  ? 12 U B P 1 
ATOM 12 P P . C A 1 13 ? -1.384  7.741   -8.288  1.00 37.44  ? 13 C B P 1 
ATOM 13 P P . A A 1 14 ? 1.671   10.320  -2.383  1.00 33.32  ? 14 A B P 1 
ATOM 14 P P . G A 1 15 ? 3.531   11.499  3.537   1.00 33.55  ? 15 G B P 1 
ATOM 15 P P . U A 1 16 ? 5.669   10.260  8.285   1.00 58.67  ? 16 U B P 1 
ATOM 16 P P . U A 1 17 ? 8.995   8.453   12.796  1.00 63.01  ? 17 U B P 1 
ATOM 17 P P . G A 1 18 ? 12.743  3.592   14.180  1.00 51.43  ? 18 G B P 1 
ATOM 18 P P . G A 1 19 ? 6.582   1.978   15.754  1.00 56.66  ? 19 G B P 1 
ATOM 19 P P . G A 1 20 ? 0.564   1.027   18.753  1.00 82.09  ? 20 G B P 1 
ATOM 20 P P . A A 1 21 ? -2.346  -1.253  13.945  1.00 46.40  ? 21 A B P 1 
ATOM 21 P P . G A 1 22 ? -7.090  2.700   11.103  1.00 19.04  ? 22 G B P 1 
ATOM 22 P P . A A 1 23 ? -10.938 6.256   6.387   1.00 28.32  ? 23 A B P 1 
ATOM 23 P P . G A 1 24 ? -13.925 9.551   3.216   1.00 33.68  ? 24 G B P 1 
ATOM 24 P P . C A 1 25 ? -16.387 9.375   -1.742  1.00 50.66  ? 25 C B P 1 
ATOM 25 P P . G A 1 26 ? -18.297 6.276   -6.291  1.00 60.43  ? 26 G B P 1 
ATOM 26 P P . C A 1 27 ? -19.566 0.398   -7.618  1.00 88.39  ? 27 C B P 1 
ATOM 27 P P . C A 1 28 ? -21.973 -4.095  -4.683  1.00 108.26 ? 28 C B P 1 
ATOM 28 P P . A A 1 29 ? -26.452 -5.468  -1.541  1.00 132.50 ? 29 A B P 1 
ATOM 29 P P . G A 1 30 ? -31.399 -3.318  1.734   1.00 164.78 ? 30 G B P 1 
ATOM 30 P P . A A 1 31 ? -35.639 0.521   4.517   1.00 172.07 ? 31 A B P 1 
ATOM 31 P P . C A 1 32 ? -37.690 4.707   2.399   1.00 176.80 ? 32 C B P 1 
ATOM 32 P P . U A 1 33 ? -40.564 7.719   -1.060  1.00 200.00 ? 33 U B P 1 
ATOM 33 P P . G A 1 34 ? -43.007 6.724   -6.004  1.00 193.77 ? 34 G B P 1 
ATOM 34 P P . A A 1 35 ? -39.362 2.741   -6.463  1.00 185.75 ? 35 A B P 1 
ATOM 35 P P . A A 1 36 ? -33.197 2.807   -8.429  1.00 196.33 ? 36 A B P 1 
ATOM 36 P P . G A 1 37 ? -28.315 3.561   -10.294 1.00 200.00 ? 37 G B P 1 
ATOM 37 P P . A A 1 38 ? -24.520 8.123   -8.851  1.00 193.90 ? 38 A B P 1 
ATOM 38 P P . U A 1 39 ? -22.913 12.562  -5.808  1.00 171.33 ? 39 U B P 1 
ATOM 39 P P . C A 1 40 ? -23.509 13.054  0.379   1.00 160.10 ? 40 C B P 1 
ATOM 40 P P . U A 1 41 ? -24.015 11.917  5.750   1.00 138.03 ? 41 U B P 1 
ATOM 41 P P . G A 1 42 ? -23.128 7.813   9.575   1.00 119.52 ? 42 G B P 1 
ATOM 42 P P . G A 1 43 ? -20.698 2.068   11.182  1.00 93.55  ? 43 G B P 1 
ATOM 43 P P . A A 1 44 ? -16.752 -3.085  10.123  1.00 91.74  ? 44 A B P 1 
ATOM 44 P P . G A 1 45 ? -13.276 -6.617  7.772   1.00 78.71  ? 45 G B P 1 
ATOM 45 P P . G A 1 46 ? -8.995  -7.666  4.318   1.00 60.98  ? 46 G B P 1 
ATOM 46 P P . U A 1 47 ? -3.317  -8.381  2.203   1.00 78.20  ? 47 U B P 1 
ATOM 47 P P . C A 1 48 ? 2.110   -6.522  6.309   1.00 52.65  ? 48 C B P 1 
ATOM 48 P P . C A 1 49 ? 4.964   -2.629  1.457   1.00 17.11  ? 49 C B P 1 
ATOM 49 P P . U A 1 50 ? 4.738   -8.125  2.091   1.00 17.58  ? 50 U B P 1 
ATOM 50 P P . G A 1 51 ? 6.873   -12.941 4.361   1.00 21.85  ? 51 G B P 1 
ATOM 51 P P . U A 1 52 ? 10.526  -16.155 7.629   1.00 7.73   ? 52 U B P 1 
ATOM 52 P P . G A 1 53 ? 15.149  -15.742 12.026  1.00 11.78  ? 53 G B P 1 
ATOM 53 P P . U A 1 54 ? 18.756  -13.574 16.135  1.00 17.41  ? 54 U B P 1 
ATOM 54 P P . U A 1 55 ? 18.892  -10.208 20.317  1.00 30.57  ? 55 U B P 1 
ATOM 55 P P . C A 1 56 ? 15.225  -8.647  24.024  1.00 40.60  ? 56 C B P 1 
ATOM 56 P P . G A 1 57 ? 11.128  -10.611 21.103  1.00 37.48  ? 57 G B P 1 
ATOM 57 P P . A A 1 58 ? 8.430   -8.965  16.189  1.00 32.55  ? 58 A B P 1 
ATOM 58 P P . U A 1 59 ? 5.923   -6.201  11.226  1.00 48.23  ? 59 U B P 1 
ATOM 59 P P . C A 1 60 ? 9.842   -3.640  8.534   1.00 26.95  ? 60 C B P 1 
ATOM 60 P P . C A 1 61 ? 14.049  0.887   6.637   1.00 28.80  ? 61 C B P 1 
ATOM 61 P P . A A 1 62 ? 19.374  -0.452  7.188   1.00 25.23  ? 62 A B P 1 
ATOM 62 P P . C A 1 63 ? 23.178  -4.412  5.781   1.00 28.44  ? 63 C B P 1 
ATOM 63 P P . A A 1 64 ? 24.152  -9.675  2.705   1.00 30.74  ? 64 A B P 1 
ATOM 64 P P . G A 1 65 ? 20.830  -12.568 -2.495  1.00 13.07  ? 65 G B P 1 
ATOM 65 P P . A A 1 66 ? 16.047  -11.798 -7.109  1.00 22.92  ? 66 A B P 1 
ATOM 66 P P . A A 1 67 ? 11.820  -10.726 -10.751 1.00 22.81  ? 67 A B P 1 
ATOM 67 P P . U A 1 68 ? 8.811   -7.466  -14.401 1.00 45.82  ? 68 U B P 1 
ATOM 68 P P . U A 1 69 ? 8.984   -2.242  -17.222 1.00 51.04  ? 69 U B P 1 
ATOM 69 P P . C A 1 70 ? 12.566  2.832   -18.541 1.00 50.83  ? 70 C B P 1 
ATOM 70 P P . G A 1 71 ? 17.415  5.883   -19.427 1.00 54.67  ? 71 G B P 1 
ATOM 71 P P . C A 1 72 ? 23.641  6.322   -20.053 1.00 59.46  ? 72 C B P 1 
ATOM 72 P P . A A 1 73 ? 28.438  4.591   -20.539 1.00 59.61  ? 73 A B P 1 
ATOM 73 P P . C A 1 74 ? 31.321  6.066   -23.891 1.00 59.61  ? 74 C B P 1 
ATOM 74 P P . C A 1 75 ? 36.614  11.142  -24.560 1.00 55.58  ? 75 C B P 1 
ATOM 75 P P . A A 1 76 ? 39.974  11.591  -28.345 1.00 59.61  ? 76 A B P 1 
# 
